data_6B5N
#
_entry.id   6B5N
#
_cell.length_a   93.068
_cell.length_b   60.419
_cell.length_c   83.307
_cell.angle_alpha   90.00
_cell.angle_beta   102.83
_cell.angle_gamma   90.00
#
_symmetry.space_group_name_H-M   'C 1 2 1'
#
loop_
_entity.id
_entity.type
_entity.pdbx_description
1 polymer 'CIS43 Fab Heavy chain'
2 polymer 'CIS43 Fab Light chain'
3 polymer 'pfCSP peptide 25: ASN-VAL-ASP-PRO-ASN-ALA-ASN-PRO-ASN-VAL-ASP'
4 water water
#
loop_
_entity_poly.entity_id
_entity_poly.type
_entity_poly.pdbx_seq_one_letter_code
_entity_poly.pdbx_strand_id
1 'polypeptide(L)'
;(PCA)VQLVQSGAEVKKPGASVKVSCKASGYTFTSYAIHWVRQAPGQRLEWMGWIKAGNGNTRYSQKFQDRVTITRDTST
TTAYMELSSLRSEDTAVYYCALLTVLTPDDAFDIWGQGTMVTVSSASTKGPSVFPLAPSSKSTSGGTAALGCLVKDYFPE
PVTVSWNSGALTSGVHTFPAVLQSSGLYSLSSVVTVPSSSLGTQTYICNVNHKPSNTKVDKKVEPKSCDK
;
H
2 'polypeptide(L)'
;DIVMTQSPDSLAVSLGERATINCKSSQSVLYSSNNKNYLAWYQQKPGQPPNLLIYWASTRQSGVPDRFSGSGSGTDFTLT
ISSLQAEDVAVYYCHQYYSSPLTFGGGTKVEIKRTVAAPSVFIFPPSDEQLKSGTASVVCLLNNFYPREAKVQWKVDNAL
QSGNSQESVTEQDSKDSTYSLSSTLTLSKADYEKHKVYACEVTHQGLSSPVTKSFNRGEC
;
L
3 'polypeptide(L)' NVDPNANPNVDPNAN A
#
# COMPACT_ATOMS: atom_id res chain seq x y z
N VAL A 2 16.73 15.42 -3.10
CA VAL A 2 16.90 14.91 -1.74
C VAL A 2 16.08 13.64 -1.58
N GLN A 3 16.71 12.53 -1.16
CA GLN A 3 15.94 11.31 -1.09
C GLN A 3 16.67 10.25 -0.28
N LEU A 4 15.89 9.28 0.18
CA LEU A 4 16.40 8.10 0.88
C LEU A 4 15.93 6.87 0.12
N VAL A 5 16.87 6.02 -0.30
CA VAL A 5 16.57 4.82 -1.07
C VAL A 5 16.96 3.62 -0.22
N GLN A 6 15.98 2.76 0.08
CA GLN A 6 16.20 1.59 0.91
C GLN A 6 16.42 0.34 0.06
N SER A 7 16.98 -0.69 0.70
CA SER A 7 17.21 -1.97 0.03
C SER A 7 15.89 -2.70 -0.17
N GLY A 8 15.93 -3.79 -0.93
CA GLY A 8 14.72 -4.46 -1.36
C GLY A 8 14.14 -5.44 -0.35
N ALA A 9 12.93 -5.90 -0.63
CA ALA A 9 12.22 -6.81 0.25
C ALA A 9 13.04 -8.08 0.47
N GLU A 10 12.90 -8.65 1.66
CA GLU A 10 13.64 -9.85 2.02
C GLU A 10 12.72 -10.79 2.81
N VAL A 11 13.12 -12.05 2.85
CA VAL A 11 12.46 -13.07 3.65
C VAL A 11 13.53 -13.75 4.50
N LYS A 12 13.17 -14.08 5.73
CA LYS A 12 14.09 -14.67 6.70
C LYS A 12 13.35 -15.72 7.50
N LYS A 13 14.11 -16.72 8.01
CA LYS A 13 13.54 -17.70 8.93
C LYS A 13 13.57 -17.17 10.36
N PRO A 14 12.68 -17.65 11.22
CA PRO A 14 12.73 -17.26 12.63
C PRO A 14 14.07 -17.57 13.24
N GLY A 15 14.57 -16.64 14.07
CA GLY A 15 15.86 -16.79 14.70
C GLY A 15 17.01 -16.17 13.93
N ALA A 16 16.78 -15.78 12.68
CA ALA A 16 17.83 -15.23 11.85
C ALA A 16 17.91 -13.71 12.08
N SER A 17 18.76 -13.05 11.29
CA SER A 17 18.94 -11.60 11.37
C SER A 17 18.75 -11.00 9.99
N VAL A 18 18.32 -9.74 9.98
CA VAL A 18 18.15 -8.98 8.74
C VAL A 18 18.82 -7.63 8.92
N LYS A 19 19.40 -7.13 7.83
CA LYS A 19 20.05 -5.82 7.83
C LYS A 19 19.51 -5.02 6.63
N VAL A 20 18.81 -3.94 6.92
CA VAL A 20 18.22 -3.05 5.92
C VAL A 20 19.11 -1.83 5.75
N SER A 21 19.27 -1.38 4.51
CA SER A 21 20.12 -0.23 4.21
C SER A 21 19.27 0.95 3.76
N CYS A 22 19.80 2.15 4.00
CA CYS A 22 19.11 3.41 3.66
C CYS A 22 20.15 4.34 3.02
N LYS A 23 20.19 4.37 1.69
CA LYS A 23 21.12 5.21 0.95
C LYS A 23 20.56 6.64 0.88
N ALA A 24 21.27 7.58 1.50
CA ALA A 24 20.85 8.98 1.48
C ALA A 24 21.52 9.73 0.34
N SER A 25 20.94 10.88 -0.01
CA SER A 25 21.35 11.60 -1.20
C SER A 25 20.71 12.98 -1.30
N GLY A 26 21.45 13.97 -1.80
CA GLY A 26 20.88 15.28 -2.06
C GLY A 26 21.02 16.29 -0.95
N TYR A 27 21.60 15.90 0.19
CA TYR A 27 21.85 16.84 1.27
C TYR A 27 23.15 16.42 1.95
N THR A 28 23.60 17.23 2.90
CA THR A 28 24.82 16.92 3.65
C THR A 28 24.50 15.84 4.67
N PHE A 29 25.00 14.63 4.42
CA PHE A 29 24.60 13.46 5.20
C PHE A 29 24.80 13.66 6.69
N THR A 30 25.94 14.20 7.10
CA THR A 30 26.26 14.24 8.51
C THR A 30 25.44 15.25 9.31
N SER A 31 24.57 16.02 8.67
CA SER A 31 23.90 17.11 9.37
C SER A 31 22.71 16.64 10.20
N TYR A 32 22.04 15.55 9.81
CA TYR A 32 20.75 15.19 10.39
C TYR A 32 20.76 13.76 10.89
N ALA A 33 19.85 13.48 11.82
CA ALA A 33 19.70 12.15 12.37
C ALA A 33 18.67 11.36 11.57
N ILE A 34 18.97 10.08 11.35
CA ILE A 34 18.13 9.18 10.61
C ILE A 34 17.39 8.28 11.60
N HIS A 35 16.07 8.22 11.47
CA HIS A 35 15.23 7.39 12.32
C HIS A 35 14.80 6.15 11.56
N TRP A 36 14.49 5.10 12.32
CA TRP A 36 13.94 3.87 11.77
C TRP A 36 12.57 3.62 12.41
N VAL A 37 11.56 3.45 11.56
CA VAL A 37 10.17 3.24 11.98
C VAL A 37 9.66 2.00 11.28
N ARG A 38 8.94 1.15 12.00
CA ARG A 38 8.34 -0.01 11.39
C ARG A 38 6.82 0.10 11.41
N GLN A 39 6.20 -0.50 10.40
CA GLN A 39 4.75 -0.51 10.26
C GLN A 39 4.34 -1.97 10.06
N ALA A 40 3.85 -2.57 11.13
CA ALA A 40 3.35 -3.93 11.03
C ALA A 40 2.07 -3.91 10.21
N PRO A 41 1.77 -4.99 9.48
CA PRO A 41 0.58 -5.00 8.62
C PRO A 41 -0.67 -4.58 9.38
N GLY A 42 -1.43 -3.67 8.77
CA GLY A 42 -2.68 -3.21 9.37
C GLY A 42 -2.52 -2.63 10.76
N GLN A 43 -1.46 -1.88 10.99
CA GLN A 43 -1.18 -1.35 12.32
C GLN A 43 -0.51 0.01 12.20
N ARG A 44 -0.26 0.62 13.34
CA ARG A 44 0.29 1.97 13.39
C ARG A 44 1.80 1.93 13.17
N LEU A 45 2.38 3.12 13.11
CA LEU A 45 3.82 3.25 12.99
C LEU A 45 4.45 3.07 14.37
N GLU A 46 5.58 2.38 14.39
CA GLU A 46 6.28 2.05 15.63
C GLU A 46 7.70 2.54 15.49
N TRP A 47 8.09 3.51 16.31
CA TRP A 47 9.43 4.07 16.24
C TRP A 47 10.42 3.10 16.86
N MET A 48 11.55 2.90 16.18
CA MET A 48 12.58 1.97 16.65
C MET A 48 13.81 2.64 17.23
N GLY A 49 14.26 3.73 16.62
CA GLY A 49 15.48 4.35 17.08
C GLY A 49 15.97 5.36 16.06
N TRP A 50 17.01 6.09 16.44
CA TRP A 50 17.67 6.99 15.51
C TRP A 50 19.18 6.91 15.70
N ILE A 51 19.88 7.35 14.67
CA ILE A 51 21.33 7.51 14.72
C ILE A 51 21.66 8.90 14.19
N LYS A 52 22.61 9.56 14.83
CA LYS A 52 23.14 10.81 14.30
C LYS A 52 24.17 10.46 13.24
N ALA A 53 23.90 10.89 12.00
CA ALA A 53 24.75 10.50 10.88
C ALA A 53 26.16 11.08 11.00
N GLY A 54 26.34 12.10 11.84
CA GLY A 54 27.65 12.68 12.03
C GLY A 54 28.49 11.89 13.01
N ASN A 55 28.16 11.97 14.29
CA ASN A 55 28.98 11.34 15.32
C ASN A 55 28.59 9.88 15.58
N GLY A 56 27.53 9.38 14.94
CA GLY A 56 27.18 7.98 15.04
C GLY A 56 26.50 7.56 16.32
N ASN A 57 26.18 8.49 17.22
CA ASN A 57 25.47 8.13 18.44
C ASN A 57 24.05 7.68 18.12
N THR A 58 23.52 6.79 18.95
CA THR A 58 22.23 6.16 18.70
C THR A 58 21.35 6.23 19.94
N ARG A 59 20.04 6.07 19.71
CA ARG A 59 19.07 5.90 20.78
C ARG A 59 18.03 4.91 20.30
N TYR A 60 17.78 3.87 21.08
CA TYR A 60 16.87 2.80 20.70
C TYR A 60 15.62 2.81 21.56
N SER A 61 14.50 2.38 20.98
CA SER A 61 13.30 2.17 21.77
C SER A 61 13.47 0.94 22.67
N GLN A 62 12.97 1.05 23.91
CA GLN A 62 13.06 -0.06 24.84
C GLN A 62 12.41 -1.32 24.27
N LYS A 63 11.35 -1.17 23.47
CA LYS A 63 10.72 -2.32 22.83
C LYS A 63 11.72 -3.10 21.98
N PHE A 64 12.75 -2.43 21.46
CA PHE A 64 13.70 -3.06 20.55
C PHE A 64 15.14 -2.98 21.02
N GLN A 65 15.42 -2.56 22.26
CA GLN A 65 16.82 -2.37 22.68
C GLN A 65 17.63 -3.64 22.48
N ASP A 66 17.08 -4.79 22.88
CA ASP A 66 17.86 -6.02 22.92
C ASP A 66 18.47 -6.35 21.57
N ARG A 67 17.69 -6.25 20.50
CA ARG A 67 18.00 -6.94 19.26
C ARG A 67 18.04 -6.03 18.03
N VAL A 68 18.09 -4.72 18.21
CA VAL A 68 18.27 -3.79 17.09
C VAL A 68 19.65 -3.16 17.21
N THR A 69 20.29 -2.96 16.06
CA THR A 69 21.54 -2.22 15.97
C THR A 69 21.43 -1.28 14.78
N ILE A 70 21.66 0.01 15.02
CA ILE A 70 21.62 1.03 13.98
C ILE A 70 23.03 1.57 13.80
N THR A 71 23.52 1.57 12.56
CA THR A 71 24.86 2.00 12.23
C THR A 71 24.80 2.91 11.01
N ARG A 72 25.93 3.54 10.69
CA ARG A 72 25.99 4.42 9.54
C ARG A 72 27.37 4.38 8.93
N ASP A 73 27.42 4.48 7.60
CA ASP A 73 28.67 4.53 6.84
C ASP A 73 28.77 5.92 6.23
N THR A 74 29.69 6.73 6.76
CA THR A 74 29.79 8.11 6.30
C THR A 74 30.30 8.19 4.85
N SER A 75 31.18 7.27 4.45
CA SER A 75 31.76 7.34 3.11
C SER A 75 30.72 7.06 2.03
N THR A 76 29.75 6.18 2.31
CA THR A 76 28.72 5.81 1.36
C THR A 76 27.38 6.49 1.61
N THR A 77 27.32 7.42 2.56
CA THR A 77 26.09 8.16 2.82
C THR A 77 24.94 7.19 3.07
N THR A 78 25.21 6.12 3.83
CA THR A 78 24.24 5.05 4.05
C THR A 78 24.04 4.79 5.53
N ALA A 79 22.79 4.55 5.93
CA ALA A 79 22.45 4.09 7.27
C ALA A 79 21.90 2.67 7.21
N TYR A 80 22.20 1.90 8.25
CA TYR A 80 21.79 0.50 8.33
C TYR A 80 21.05 0.23 9.63
N MET A 81 20.07 -0.67 9.55
CA MET A 81 19.39 -1.19 10.73
C MET A 81 19.44 -2.71 10.68
N GLU A 82 19.94 -3.33 11.75
CA GLU A 82 19.98 -4.78 11.84
C GLU A 82 19.08 -5.23 12.98
N LEU A 83 18.14 -6.13 12.66
CA LEU A 83 17.26 -6.74 13.66
C LEU A 83 17.61 -8.22 13.71
N SER A 84 17.93 -8.70 14.90
CA SER A 84 18.35 -10.08 15.10
C SER A 84 17.30 -10.83 15.90
N SER A 85 17.52 -12.13 16.04
CA SER A 85 16.59 -13.04 16.71
C SER A 85 15.16 -12.81 16.22
N LEU A 86 15.02 -12.81 14.90
CA LEU A 86 13.74 -12.48 14.28
C LEU A 86 12.67 -13.49 14.68
N ARG A 87 11.45 -12.99 14.87
CA ARG A 87 10.27 -13.81 15.08
C ARG A 87 9.24 -13.47 14.00
N SER A 88 8.30 -14.39 13.76
CA SER A 88 7.26 -14.15 12.76
C SER A 88 6.53 -12.85 13.02
N GLU A 89 6.45 -12.41 14.29
CA GLU A 89 5.81 -11.16 14.63
C GLU A 89 6.55 -9.95 14.05
N ASP A 90 7.82 -10.12 13.66
CA ASP A 90 8.60 -9.01 13.11
C ASP A 90 8.30 -8.76 11.64
N THR A 91 7.41 -9.52 11.03
CA THR A 91 6.98 -9.25 9.67
C THR A 91 6.35 -7.87 9.59
N ALA A 92 6.99 -6.96 8.84
CA ALA A 92 6.50 -5.58 8.77
C ALA A 92 7.24 -4.85 7.66
N VAL A 93 6.81 -3.62 7.41
CA VAL A 93 7.53 -2.70 6.54
C VAL A 93 8.41 -1.82 7.41
N TYR A 94 9.69 -1.75 7.07
CA TYR A 94 10.65 -0.95 7.82
C TYR A 94 11.03 0.28 7.02
N TYR A 95 10.89 1.45 7.63
CA TYR A 95 11.16 2.74 7.01
C TYR A 95 12.32 3.43 7.70
N CYS A 96 13.23 4.00 6.91
CA CYS A 96 14.14 5.03 7.40
C CYS A 96 13.57 6.40 7.05
N ALA A 97 13.77 7.37 7.95
CA ALA A 97 13.18 8.69 7.72
C ALA A 97 13.98 9.74 8.46
N LEU A 98 14.13 10.91 7.83
CA LEU A 98 14.56 12.12 8.52
C LEU A 98 13.30 12.75 9.10
N LEU A 99 12.94 12.32 10.30
CA LEU A 99 11.72 12.81 10.92
C LEU A 99 11.89 14.26 11.37
N THR A 100 10.98 15.12 10.94
CA THR A 100 10.81 16.49 11.43
C THR A 100 12.13 17.16 11.77
N VAL A 101 12.87 17.59 10.76
CA VAL A 101 13.96 18.55 10.97
C VAL A 101 13.29 19.92 11.05
N LEU A 102 13.09 20.42 12.27
CA LEU A 102 12.36 21.66 12.51
C LEU A 102 13.36 22.76 12.83
N THR A 103 13.41 23.77 11.96
CA THR A 103 14.23 24.96 12.14
C THR A 103 13.32 26.18 12.05
N PRO A 104 13.80 27.38 12.40
CA PRO A 104 12.92 28.56 12.26
C PRO A 104 12.44 28.79 10.84
N ASP A 105 13.32 28.70 9.83
CA ASP A 105 12.89 28.93 8.45
C ASP A 105 12.01 27.81 7.94
N ASP A 106 12.52 26.58 8.00
CA ASP A 106 11.96 25.47 7.24
C ASP A 106 11.50 24.35 8.16
N ALA A 107 10.74 23.43 7.55
CA ALA A 107 10.52 22.10 8.07
C ALA A 107 10.91 21.14 6.97
N PHE A 108 11.63 20.08 7.34
CA PHE A 108 12.25 19.16 6.39
C PHE A 108 11.99 17.75 6.89
N ASP A 109 11.25 16.96 6.11
CA ASP A 109 10.80 15.63 6.52
C ASP A 109 10.82 14.73 5.28
N ILE A 110 11.65 13.68 5.31
CA ILE A 110 11.87 12.80 4.17
C ILE A 110 11.83 11.36 4.65
N TRP A 111 11.14 10.51 3.90
CA TRP A 111 11.05 9.09 4.21
C TRP A 111 11.59 8.25 3.05
N GLY A 112 12.21 7.12 3.38
CA GLY A 112 12.49 6.11 2.38
C GLY A 112 11.23 5.36 1.99
N GLN A 113 11.34 4.55 0.93
CA GLN A 113 10.15 3.92 0.35
C GLN A 113 9.65 2.72 1.15
N GLY A 114 10.40 2.28 2.14
CA GLY A 114 10.04 1.12 2.94
C GLY A 114 10.65 -0.16 2.39
N THR A 115 10.96 -1.08 3.33
CA THR A 115 11.47 -2.41 3.01
C THR A 115 10.60 -3.44 3.72
N MET A 116 9.91 -4.27 2.95
CA MET A 116 9.09 -5.33 3.51
CA MET A 116 9.09 -5.33 3.51
C MET A 116 9.98 -6.50 3.90
N VAL A 117 9.87 -6.93 5.15
CA VAL A 117 10.62 -8.08 5.67
C VAL A 117 9.60 -9.07 6.19
N THR A 118 9.61 -10.27 5.64
CA THR A 118 8.75 -11.35 6.10
C THR A 118 9.61 -12.37 6.82
N VAL A 119 9.21 -12.73 8.03
CA VAL A 119 9.83 -13.79 8.80
C VAL A 119 8.89 -14.98 8.76
N SER A 120 9.35 -16.08 8.17
CA SER A 120 8.52 -17.27 8.03
C SER A 120 9.39 -18.51 7.90
N SER A 121 8.83 -19.63 8.35
CA SER A 121 9.39 -20.96 8.11
C SER A 121 9.03 -21.51 6.73
N ALA A 122 8.03 -20.94 6.06
CA ALA A 122 7.56 -21.52 4.81
C ALA A 122 8.59 -21.29 3.70
N SER A 123 8.49 -22.11 2.66
CA SER A 123 9.43 -22.06 1.55
C SER A 123 9.14 -20.89 0.62
N THR A 124 10.20 -20.22 0.15
CA THR A 124 10.07 -19.17 -0.84
C THR A 124 9.76 -19.76 -2.21
N LYS A 125 8.85 -19.11 -2.94
CA LYS A 125 8.47 -19.58 -4.27
C LYS A 125 8.24 -18.40 -5.19
N GLY A 126 8.82 -18.45 -6.38
CA GLY A 126 8.66 -17.38 -7.34
C GLY A 126 7.38 -17.57 -8.13
N PRO A 127 6.80 -16.48 -8.62
CA PRO A 127 5.47 -16.58 -9.24
C PRO A 127 5.50 -17.13 -10.65
N SER A 128 4.37 -17.70 -11.05
CA SER A 128 4.07 -17.91 -12.46
C SER A 128 3.24 -16.73 -12.95
N VAL A 129 3.55 -16.24 -14.16
CA VAL A 129 2.89 -15.06 -14.72
C VAL A 129 2.19 -15.49 -16.00
N PHE A 130 0.90 -15.15 -16.10
CA PHE A 130 0.06 -15.53 -17.23
C PHE A 130 -0.63 -14.31 -17.80
N PRO A 131 -0.81 -14.25 -19.11
CA PRO A 131 -1.49 -13.08 -19.70
C PRO A 131 -2.99 -13.13 -19.49
N LEU A 132 -3.56 -11.95 -19.25
CA LEU A 132 -5.00 -11.73 -19.33
C LEU A 132 -5.21 -10.94 -20.62
N ALA A 133 -5.36 -11.66 -21.72
CA ALA A 133 -5.32 -11.05 -23.05
C ALA A 133 -6.63 -10.33 -23.36
N PRO A 134 -6.58 -9.17 -24.01
CA PRO A 134 -7.83 -8.54 -24.42
C PRO A 134 -8.51 -9.35 -25.51
N SER A 135 -9.83 -9.45 -25.43
CA SER A 135 -10.64 -10.10 -26.45
C SER A 135 -12.02 -9.46 -26.45
N SER A 136 -12.93 -10.04 -27.23
CA SER A 136 -14.30 -9.53 -27.25
C SER A 136 -14.94 -9.55 -25.88
N LYS A 137 -14.51 -10.46 -24.99
CA LYS A 137 -15.12 -10.56 -23.67
C LYS A 137 -14.57 -9.56 -22.67
N SER A 138 -13.50 -8.83 -23.02
CA SER A 138 -12.98 -7.77 -22.18
C SER A 138 -12.88 -6.44 -22.94
N THR A 139 -13.70 -6.26 -23.97
CA THR A 139 -13.78 -5.00 -24.73
C THR A 139 -15.23 -4.51 -24.76
N SER A 140 -15.45 -3.23 -24.47
CA SER A 140 -16.79 -2.68 -24.45
C SER A 140 -16.73 -1.15 -24.54
N GLY A 141 -17.56 -0.58 -25.40
CA GLY A 141 -17.72 0.86 -25.46
C GLY A 141 -16.43 1.62 -25.75
N GLY A 142 -15.55 1.03 -26.54
CA GLY A 142 -14.30 1.67 -26.88
C GLY A 142 -13.17 1.40 -25.92
N THR A 143 -13.42 0.69 -24.83
CA THR A 143 -12.42 0.37 -23.82
C THR A 143 -12.11 -1.11 -23.86
N ALA A 144 -10.84 -1.43 -23.74
CA ALA A 144 -10.39 -2.81 -23.63
C ALA A 144 -9.65 -3.00 -22.32
N ALA A 145 -9.87 -4.13 -21.68
CA ALA A 145 -9.14 -4.52 -20.48
C ALA A 145 -8.16 -5.65 -20.80
N LEU A 146 -7.02 -5.60 -20.15
CA LEU A 146 -5.99 -6.62 -20.29
C LEU A 146 -5.20 -6.61 -19.00
N GLY A 147 -4.40 -7.64 -18.79
CA GLY A 147 -3.63 -7.69 -17.56
C GLY A 147 -2.71 -8.89 -17.52
N CYS A 148 -2.14 -9.10 -16.32
CA CYS A 148 -1.31 -10.26 -16.04
CA CYS A 148 -1.30 -10.26 -16.04
C CYS A 148 -1.76 -10.86 -14.72
N LEU A 149 -1.87 -12.18 -14.70
CA LEU A 149 -2.17 -12.94 -13.48
C LEU A 149 -0.84 -13.44 -12.91
N VAL A 150 -0.56 -13.07 -11.67
CA VAL A 150 0.69 -13.43 -10.99
C VAL A 150 0.33 -14.42 -9.89
N LYS A 151 0.63 -15.70 -10.11
CA LYS A 151 0.07 -16.81 -9.34
C LYS A 151 1.16 -17.58 -8.60
N ASP A 152 0.82 -17.97 -7.35
CA ASP A 152 1.54 -18.99 -6.58
C ASP A 152 2.94 -18.56 -6.16
N TYR A 153 3.05 -17.45 -5.44
CA TYR A 153 4.33 -17.00 -4.92
C TYR A 153 4.29 -16.84 -3.41
N PHE A 154 5.47 -16.82 -2.83
CA PHE A 154 5.63 -16.58 -1.40
C PHE A 154 7.06 -16.11 -1.13
N PRO A 155 7.24 -15.10 -0.26
CA PRO A 155 6.24 -14.28 0.42
C PRO A 155 5.84 -13.09 -0.43
N GLU A 156 5.08 -12.17 0.17
CA GLU A 156 4.90 -10.85 -0.43
C GLU A 156 6.23 -10.12 -0.28
N PRO A 157 6.46 -9.08 -1.10
CA PRO A 157 5.61 -8.57 -2.18
C PRO A 157 6.12 -8.92 -3.57
N VAL A 158 5.20 -8.92 -4.53
CA VAL A 158 5.57 -8.77 -5.93
C VAL A 158 5.26 -7.35 -6.32
N THR A 159 6.11 -6.76 -7.14
CA THR A 159 5.84 -5.48 -7.75
C THR A 159 5.49 -5.70 -9.21
N VAL A 160 4.53 -4.91 -9.69
CA VAL A 160 4.11 -4.99 -11.09
C VAL A 160 4.21 -3.60 -11.68
N SER A 161 4.90 -3.49 -12.81
CA SER A 161 4.87 -2.30 -13.63
C SER A 161 4.41 -2.68 -15.03
N TRP A 162 3.99 -1.68 -15.80
CA TRP A 162 3.61 -1.86 -17.19
C TRP A 162 4.50 -1.00 -18.07
N ASN A 163 5.03 -1.59 -19.14
CA ASN A 163 5.91 -0.90 -20.08
C ASN A 163 7.03 -0.17 -19.34
N SER A 164 7.68 -0.90 -18.44
CA SER A 164 8.81 -0.43 -17.66
C SER A 164 8.52 0.88 -16.94
N GLY A 165 7.26 1.10 -16.60
CA GLY A 165 6.85 2.26 -15.82
C GLY A 165 6.26 3.37 -16.63
N ALA A 166 6.28 3.27 -17.96
CA ALA A 166 5.71 4.33 -18.78
C ALA A 166 4.19 4.29 -18.81
N LEU A 167 3.57 3.18 -18.44
CA LEU A 167 2.12 3.03 -18.43
C LEU A 167 1.66 2.90 -16.98
N THR A 168 0.99 3.94 -16.48
CA THR A 168 0.52 3.93 -15.10
C THR A 168 -0.96 4.26 -15.05
N SER A 169 -1.43 5.07 -15.98
CA SER A 169 -2.81 5.50 -15.95
C SER A 169 -3.73 4.31 -16.19
N GLY A 170 -4.79 4.21 -15.39
CA GLY A 170 -5.75 3.14 -15.54
C GLY A 170 -5.29 1.77 -15.07
N VAL A 171 -4.15 1.69 -14.38
CA VAL A 171 -3.61 0.40 -13.93
C VAL A 171 -4.16 0.11 -12.54
N HIS A 172 -4.65 -1.12 -12.35
CA HIS A 172 -5.04 -1.61 -11.03
C HIS A 172 -4.28 -2.90 -10.74
N THR A 173 -3.38 -2.83 -9.79
CA THR A 173 -2.70 -4.00 -9.26
C THR A 173 -3.41 -4.34 -7.95
N PHE A 174 -4.12 -5.48 -7.94
CA PHE A 174 -5.00 -5.80 -6.84
C PHE A 174 -4.19 -6.29 -5.63
N PRO A 175 -4.70 -6.06 -4.42
CA PRO A 175 -4.11 -6.73 -3.26
C PRO A 175 -4.10 -8.24 -3.45
N ALA A 176 -3.00 -8.86 -3.03
CA ALA A 176 -2.89 -10.31 -3.12
C ALA A 176 -3.95 -11.01 -2.28
N VAL A 177 -4.37 -12.19 -2.75
CA VAL A 177 -5.18 -13.10 -1.95
C VAL A 177 -4.29 -14.24 -1.49
N LEU A 178 -4.66 -14.83 -0.36
CA LEU A 178 -3.98 -15.99 0.19
C LEU A 178 -4.71 -17.25 -0.27
N GLN A 179 -4.03 -18.07 -1.06
CA GLN A 179 -4.68 -19.29 -1.53
C GLN A 179 -4.58 -20.38 -0.47
N SER A 180 -5.45 -21.39 -0.60
CA SER A 180 -5.48 -22.47 0.38
C SER A 180 -4.14 -23.17 0.48
N SER A 181 -3.39 -23.21 -0.62
CA SER A 181 -2.05 -23.78 -0.62
C SER A 181 -1.06 -22.99 0.23
N GLY A 182 -1.46 -21.83 0.76
CA GLY A 182 -0.54 -20.98 1.48
C GLY A 182 0.28 -20.04 0.61
N LEU A 183 0.09 -20.08 -0.71
CA LEU A 183 0.77 -19.19 -1.64
C LEU A 183 -0.14 -18.02 -2.00
N TYR A 184 0.48 -16.93 -2.41
CA TYR A 184 -0.25 -15.72 -2.78
C TYR A 184 -0.55 -15.69 -4.28
N SER A 185 -1.55 -14.89 -4.64
CA SER A 185 -1.88 -14.67 -6.04
C SER A 185 -2.47 -13.27 -6.21
N LEU A 186 -2.15 -12.62 -7.34
CA LEU A 186 -2.79 -11.36 -7.65
C LEU A 186 -2.87 -11.17 -9.17
N SER A 187 -3.69 -10.21 -9.57
CA SER A 187 -3.78 -9.75 -10.95
C SER A 187 -3.44 -8.27 -11.02
N SER A 188 -2.86 -7.86 -12.14
CA SER A 188 -2.69 -6.46 -12.49
C SER A 188 -3.38 -6.24 -13.83
N VAL A 189 -4.23 -5.22 -13.90
CA VAL A 189 -5.04 -4.97 -15.07
C VAL A 189 -4.92 -3.51 -15.45
N VAL A 190 -5.24 -3.24 -16.71
CA VAL A 190 -5.24 -1.87 -17.24
C VAL A 190 -6.33 -1.79 -18.29
N THR A 191 -6.97 -0.63 -18.38
CA THR A 191 -7.91 -0.35 -19.46
C THR A 191 -7.28 0.63 -20.43
N VAL A 192 -7.48 0.36 -21.72
CA VAL A 192 -6.86 1.14 -22.78
C VAL A 192 -7.89 1.29 -23.90
N PRO A 193 -7.63 2.12 -24.89
CA PRO A 193 -8.55 2.18 -26.03
C PRO A 193 -8.53 0.85 -26.76
N SER A 194 -9.73 0.34 -27.06
CA SER A 194 -9.80 -0.87 -27.86
C SER A 194 -9.33 -0.65 -29.29
N SER A 195 -9.37 0.59 -29.79
CA SER A 195 -8.98 0.85 -31.16
C SER A 195 -7.47 0.73 -31.38
N SER A 196 -6.68 0.84 -30.33
CA SER A 196 -5.22 0.89 -30.47
C SER A 196 -4.56 -0.43 -30.10
N LEU A 197 -5.33 -1.50 -29.92
CA LEU A 197 -4.73 -2.80 -29.61
C LEU A 197 -3.83 -3.27 -30.73
N GLY A 198 -4.06 -2.80 -31.95
CA GLY A 198 -3.26 -3.23 -33.09
C GLY A 198 -1.91 -2.52 -33.20
N THR A 199 -1.76 -1.35 -32.57
CA THR A 199 -0.55 -0.55 -32.72
C THR A 199 0.25 -0.40 -31.44
N GLN A 200 -0.36 -0.57 -30.28
CA GLN A 200 0.34 -0.36 -29.03
C GLN A 200 0.81 -1.70 -28.47
N THR A 201 1.88 -1.64 -27.69
CA THR A 201 2.48 -2.80 -27.05
C THR A 201 2.34 -2.67 -25.56
N TYR A 202 1.82 -3.72 -24.92
CA TYR A 202 1.62 -3.77 -23.48
C TYR A 202 2.40 -4.93 -22.87
N ILE A 203 3.34 -4.60 -21.98
CA ILE A 203 4.19 -5.58 -21.32
C ILE A 203 4.08 -5.36 -19.82
N CYS A 204 3.73 -6.42 -19.09
CA CYS A 204 3.71 -6.37 -17.63
CA CYS A 204 3.69 -6.40 -17.65
C CYS A 204 5.07 -6.85 -17.14
N ASN A 205 5.70 -6.04 -16.28
CA ASN A 205 7.02 -6.33 -15.72
C ASN A 205 6.83 -6.78 -14.28
N VAL A 206 7.09 -8.05 -13.99
CA VAL A 206 6.84 -8.63 -12.68
C VAL A 206 8.17 -8.90 -11.99
N ASN A 207 8.28 -8.48 -10.73
CA ASN A 207 9.52 -8.65 -9.97
C ASN A 207 9.19 -9.19 -8.58
N HIS A 208 9.82 -10.31 -8.23
CA HIS A 208 9.70 -10.91 -6.90
C HIS A 208 11.11 -11.04 -6.34
N LYS A 209 11.50 -10.11 -5.48
CA LYS A 209 12.88 -10.04 -5.03
C LYS A 209 13.27 -11.23 -4.16
N PRO A 210 12.43 -11.65 -3.21
CA PRO A 210 12.81 -12.79 -2.34
C PRO A 210 13.23 -14.03 -3.10
N SER A 211 12.65 -14.31 -4.26
CA SER A 211 13.05 -15.45 -5.07
C SER A 211 13.95 -15.04 -6.24
N ASN A 212 14.35 -13.76 -6.30
CA ASN A 212 15.14 -13.23 -7.41
C ASN A 212 14.54 -13.64 -8.76
N THR A 213 13.26 -13.34 -8.91
CA THR A 213 12.52 -13.68 -10.12
C THR A 213 12.10 -12.39 -10.80
N LYS A 214 12.31 -12.33 -12.10
CA LYS A 214 11.90 -11.20 -12.92
C LYS A 214 11.30 -11.75 -14.21
N VAL A 215 10.12 -11.26 -14.56
CA VAL A 215 9.38 -11.73 -15.73
C VAL A 215 8.81 -10.53 -16.45
N ASP A 216 9.10 -10.42 -17.75
CA ASP A 216 8.44 -9.49 -18.65
C ASP A 216 7.50 -10.31 -19.54
N LYS A 217 6.22 -10.01 -19.50
CA LYS A 217 5.21 -10.75 -20.24
C LYS A 217 4.48 -9.80 -21.19
N LYS A 218 4.61 -10.06 -22.49
CA LYS A 218 3.89 -9.28 -23.48
C LYS A 218 2.47 -9.80 -23.59
N VAL A 219 1.50 -8.91 -23.48
CA VAL A 219 0.09 -9.29 -23.44
C VAL A 219 -0.52 -8.87 -24.77
N GLU A 220 -0.85 -9.85 -25.59
CA GLU A 220 -1.29 -9.62 -26.94
C GLU A 220 -2.76 -9.95 -27.11
N PRO A 221 -3.45 -9.32 -28.05
CA PRO A 221 -4.87 -9.58 -28.25
C PRO A 221 -5.18 -11.04 -28.52
N LYS A 222 -6.41 -11.41 -28.18
CA LYS A 222 -6.93 -12.77 -28.28
C LYS A 222 -6.11 -13.74 -27.45
N ASP B 1 5.68 5.82 28.04
CA ASP B 1 5.24 6.06 26.64
C ASP B 1 4.01 6.96 26.61
N ILE B 2 4.06 8.02 25.81
CA ILE B 2 2.88 8.83 25.55
C ILE B 2 2.03 8.09 24.53
N VAL B 3 0.86 7.62 24.96
CA VAL B 3 -0.05 6.89 24.09
C VAL B 3 -0.87 7.90 23.28
N MET B 4 -0.99 7.66 21.98
CA MET B 4 -1.73 8.51 21.06
C MET B 4 -2.97 7.75 20.59
N THR B 5 -4.15 8.33 20.81
CA THR B 5 -5.41 7.69 20.47
C THR B 5 -6.19 8.55 19.49
N GLN B 6 -6.45 8.02 18.31
CA GLN B 6 -7.18 8.76 17.29
C GLN B 6 -8.64 8.34 17.24
N SER B 7 -9.48 9.26 16.78
CA SER B 7 -10.91 8.99 16.63
C SER B 7 -11.44 9.79 15.44
N PRO B 8 -12.24 9.17 14.57
CA PRO B 8 -12.62 7.75 14.51
C PRO B 8 -11.53 6.92 13.84
N ASP B 9 -11.65 5.60 13.87
CA ASP B 9 -10.76 4.75 13.09
C ASP B 9 -10.96 4.93 11.60
N SER B 10 -12.15 5.33 11.18
CA SER B 10 -12.44 5.55 9.77
C SER B 10 -13.58 6.55 9.65
N LEU B 11 -13.57 7.30 8.56
CA LEU B 11 -14.67 8.21 8.26
C LEU B 11 -14.83 8.28 6.76
N ALA B 12 -16.06 8.51 6.34
CA ALA B 12 -16.41 8.70 4.93
C ALA B 12 -17.16 10.01 4.84
N VAL B 13 -16.70 10.93 4.00
CA VAL B 13 -17.42 12.18 3.77
C VAL B 13 -17.40 12.49 2.29
N SER B 14 -18.36 13.31 1.88
CA SER B 14 -18.55 13.59 0.47
C SER B 14 -17.47 14.54 -0.03
N LEU B 15 -17.23 14.48 -1.33
CA LEU B 15 -16.36 15.43 -1.99
C LEU B 15 -16.82 16.85 -1.70
N GLY B 16 -15.89 17.72 -1.31
CA GLY B 16 -16.20 19.11 -1.02
C GLY B 16 -16.63 19.38 0.40
N GLU B 17 -16.82 18.36 1.23
CA GLU B 17 -17.27 18.53 2.60
C GLU B 17 -16.11 18.47 3.58
N ARG B 18 -16.40 18.81 4.83
CA ARG B 18 -15.39 18.91 5.88
C ARG B 18 -15.19 17.56 6.56
N ALA B 19 -13.93 17.16 6.71
CA ALA B 19 -13.56 15.96 7.45
C ALA B 19 -12.73 16.37 8.66
N THR B 20 -13.09 15.84 9.84
CA THR B 20 -12.37 16.13 11.07
C THR B 20 -11.87 14.84 11.69
N ILE B 21 -10.61 14.85 12.11
CA ILE B 21 -9.98 13.72 12.77
C ILE B 21 -9.50 14.19 14.13
N ASN B 22 -9.67 13.35 15.15
CA ASN B 22 -9.32 13.68 16.52
C ASN B 22 -8.14 12.84 16.98
N CYS B 23 -7.34 13.41 17.88
CA CYS B 23 -6.25 12.67 18.51
CA CYS B 23 -6.26 12.66 18.52
C CYS B 23 -6.14 13.14 19.95
N LYS B 24 -6.05 12.19 20.87
CA LYS B 24 -5.83 12.47 22.28
C LYS B 24 -4.52 11.79 22.69
N SER B 25 -3.75 12.50 23.50
CA SER B 25 -2.50 11.97 24.00
C SER B 25 -2.65 11.69 25.49
N SER B 26 -1.97 10.64 25.97
CA SER B 26 -1.94 10.36 27.41
CA SER B 26 -1.94 10.36 27.41
C SER B 26 -1.54 11.60 28.21
N GLN B 27 -0.37 12.15 27.93
CA GLN B 27 0.14 13.30 28.65
C GLN B 27 0.04 14.52 27.76
N SER B 28 0.11 15.69 28.37
CA SER B 28 0.14 16.93 27.61
C SER B 28 1.47 17.05 26.86
N VAL B 29 1.39 17.45 25.60
CA VAL B 29 2.58 17.70 24.80
C VAL B 29 2.84 19.20 24.65
N LEU B 30 2.24 20.02 25.51
CA LEU B 30 2.49 21.46 25.52
C LEU B 30 3.66 21.75 26.45
N TYR B 31 4.72 22.33 25.92
CA TYR B 31 5.89 22.70 26.70
C TYR B 31 5.68 24.10 27.28
N SER B 32 5.70 24.21 28.61
CA SER B 32 5.41 25.48 29.26
C SER B 32 6.44 26.54 28.91
N SER B 33 7.70 26.15 28.66
CA SER B 33 8.76 27.15 28.48
C SER B 33 8.61 27.92 27.17
N ASN B 34 8.20 27.25 26.09
CA ASN B 34 8.01 27.93 24.82
C ASN B 34 6.57 27.90 24.32
N ASN B 35 5.65 27.29 25.06
CA ASN B 35 4.23 27.32 24.72
C ASN B 35 3.98 26.73 23.33
N LYS B 36 4.69 25.64 23.02
CA LYS B 36 4.54 24.95 21.75
C LYS B 36 4.11 23.52 22.01
N ASN B 37 3.21 23.01 21.16
CA ASN B 37 2.74 21.64 21.23
C ASN B 37 3.60 20.77 20.31
N TYR B 38 4.25 19.76 20.88
CA TYR B 38 5.18 18.93 20.12
C TYR B 38 4.40 17.79 19.47
N LEU B 39 3.68 18.16 18.42
CA LEU B 39 2.76 17.24 17.78
C LEU B 39 2.71 17.54 16.28
N ALA B 40 2.66 16.48 15.50
CA ALA B 40 2.58 16.57 14.05
C ALA B 40 1.48 15.66 13.53
N TRP B 41 1.08 15.92 12.29
CA TRP B 41 0.13 15.10 11.57
C TRP B 41 0.77 14.61 10.28
N TYR B 42 0.64 13.31 10.02
CA TYR B 42 1.15 12.69 8.81
C TYR B 42 0.01 12.14 7.97
N GLN B 43 0.21 12.16 6.66
CA GLN B 43 -0.68 11.52 5.69
C GLN B 43 0.06 10.37 5.01
N GLN B 44 -0.58 9.22 4.92
CA GLN B 44 -0.01 8.08 4.20
C GLN B 44 -0.99 7.63 3.12
N LYS B 45 -0.74 8.05 1.88
CA LYS B 45 -1.52 7.57 0.76
C LYS B 45 -1.17 6.11 0.46
N PRO B 46 -2.07 5.38 -0.19
CA PRO B 46 -1.85 3.93 -0.36
C PRO B 46 -0.51 3.63 -1.01
N GLY B 47 0.23 2.70 -0.41
CA GLY B 47 1.49 2.24 -0.95
C GLY B 47 2.64 3.21 -0.84
N GLN B 48 2.43 4.39 -0.26
CA GLN B 48 3.47 5.39 -0.15
C GLN B 48 3.89 5.58 1.31
N PRO B 49 5.07 6.13 1.56
CA PRO B 49 5.46 6.40 2.94
C PRO B 49 4.67 7.56 3.50
N PRO B 50 4.62 7.70 4.81
CA PRO B 50 3.99 8.88 5.40
C PRO B 50 4.55 10.17 4.83
N ASN B 51 3.78 11.25 4.96
CA ASN B 51 4.10 12.55 4.40
C ASN B 51 3.68 13.59 5.41
N LEU B 52 4.60 14.48 5.78
CA LEU B 52 4.35 15.45 6.84
C LEU B 52 3.37 16.54 6.38
N LEU B 53 2.31 16.75 7.15
CA LEU B 53 1.31 17.78 6.85
C LEU B 53 1.40 18.97 7.81
N ILE B 54 1.37 18.70 9.11
CA ILE B 54 1.28 19.72 10.15
C ILE B 54 2.35 19.43 11.19
N TYR B 55 3.00 20.47 11.70
CA TYR B 55 3.93 20.34 12.82
C TYR B 55 3.68 21.47 13.81
N TRP B 56 4.19 21.28 15.03
CA TRP B 56 3.83 22.17 16.14
C TRP B 56 2.30 22.28 16.26
N ALA B 57 1.59 21.19 15.92
CA ALA B 57 0.14 21.08 16.06
C ALA B 57 -0.65 21.87 15.03
N SER B 58 -0.15 23.02 14.59
CA SER B 58 -0.95 23.89 13.73
C SER B 58 -0.20 24.59 12.60
N THR B 59 1.07 24.24 12.34
CA THR B 59 1.84 24.88 11.27
C THR B 59 1.87 23.95 10.07
N ARG B 60 1.40 24.45 8.92
CA ARG B 60 1.40 23.66 7.70
C ARG B 60 2.81 23.53 7.12
N GLN B 61 3.16 22.31 6.73
CA GLN B 61 4.38 22.08 5.99
C GLN B 61 4.29 22.75 4.62
N SER B 62 5.43 23.24 4.14
CA SER B 62 5.46 23.87 2.84
C SER B 62 4.87 22.94 1.78
N GLY B 63 4.03 23.49 0.93
CA GLY B 63 3.42 22.74 -0.15
C GLY B 63 2.17 21.97 0.21
N VAL B 64 1.77 21.98 1.48
CA VAL B 64 0.51 21.33 1.86
C VAL B 64 -0.64 22.26 1.51
N PRO B 65 -1.69 21.77 0.84
CA PRO B 65 -2.80 22.64 0.48
C PRO B 65 -3.42 23.31 1.71
N ASP B 66 -3.95 24.52 1.48
CA ASP B 66 -4.48 25.32 2.57
C ASP B 66 -5.69 24.69 3.25
N ARG B 67 -6.39 23.75 2.59
CA ARG B 67 -7.55 23.13 3.21
C ARG B 67 -7.20 22.24 4.40
N PHE B 68 -5.95 21.82 4.52
CA PHE B 68 -5.49 21.10 5.70
C PHE B 68 -5.15 22.09 6.82
N SER B 69 -5.72 21.88 8.01
CA SER B 69 -5.38 22.74 9.13
C SER B 69 -5.37 21.91 10.41
N GLY B 70 -4.53 22.33 11.36
CA GLY B 70 -4.39 21.64 12.62
C GLY B 70 -4.70 22.59 13.77
N SER B 71 -5.32 22.04 14.81
CA SER B 71 -5.72 22.83 15.95
C SER B 71 -5.67 21.95 17.21
N GLY B 72 -5.92 22.59 18.34
CA GLY B 72 -5.92 21.94 19.64
C GLY B 72 -4.70 22.33 20.46
N SER B 73 -4.66 21.82 21.68
CA SER B 73 -3.59 22.15 22.61
C SER B 73 -3.57 21.13 23.73
N GLY B 74 -2.37 20.90 24.28
CA GLY B 74 -2.20 20.04 25.43
C GLY B 74 -2.36 18.57 25.12
N THR B 75 -3.55 18.03 25.38
CA THR B 75 -3.86 16.64 25.11
C THR B 75 -4.89 16.42 24.01
N ASP B 76 -5.55 17.48 23.55
CA ASP B 76 -6.64 17.36 22.57
C ASP B 76 -6.27 18.10 21.30
N PHE B 77 -6.28 17.40 20.17
CA PHE B 77 -5.90 18.00 18.90
C PHE B 77 -6.82 17.51 17.79
N THR B 78 -6.94 18.32 16.75
CA THR B 78 -7.80 18.00 15.62
C THR B 78 -7.08 18.31 14.31
N LEU B 79 -7.26 17.42 13.33
CA LEU B 79 -6.93 17.69 11.95
C LEU B 79 -8.24 17.88 11.17
N THR B 80 -8.33 19.01 10.46
CA THR B 80 -9.51 19.33 9.67
C THR B 80 -9.10 19.45 8.21
N ILE B 81 -9.89 18.84 7.34
CA ILE B 81 -9.80 19.06 5.90
C ILE B 81 -11.06 19.79 5.51
N SER B 82 -10.92 21.08 5.16
CA SER B 82 -12.07 21.95 5.06
C SER B 82 -12.99 21.57 3.89
N SER B 83 -12.40 21.12 2.79
CA SER B 83 -13.17 20.72 1.60
C SER B 83 -12.47 19.52 0.99
N LEU B 84 -12.99 18.32 1.27
CA LEU B 84 -12.28 17.10 0.91
C LEU B 84 -12.20 16.93 -0.61
N GLN B 85 -11.02 16.55 -1.07
CA GLN B 85 -10.75 16.32 -2.48
C GLN B 85 -10.40 14.85 -2.70
N ALA B 86 -10.55 14.40 -3.94
CA ALA B 86 -10.36 12.99 -4.25
C ALA B 86 -8.98 12.50 -3.84
N GLU B 87 -7.96 13.35 -4.02
CA GLU B 87 -6.59 12.95 -3.72
C GLU B 87 -6.30 12.84 -2.23
N ASP B 88 -7.24 13.17 -1.35
CA ASP B 88 -7.01 13.07 0.09
C ASP B 88 -7.31 11.68 0.66
N VAL B 89 -7.65 10.70 -0.19
CA VAL B 89 -7.71 9.32 0.25
C VAL B 89 -6.38 8.94 0.89
N ALA B 90 -6.42 8.59 2.17
CA ALA B 90 -5.19 8.26 2.88
C ALA B 90 -5.54 7.83 4.30
N VAL B 91 -4.54 7.33 5.00
CA VAL B 91 -4.58 7.16 6.45
C VAL B 91 -3.81 8.31 7.07
N TYR B 92 -4.40 8.94 8.08
CA TYR B 92 -3.79 10.07 8.76
C TYR B 92 -3.38 9.63 10.16
N TYR B 93 -2.16 10.01 10.57
CA TYR B 93 -1.58 9.66 11.85
C TYR B 93 -1.17 10.92 12.59
N CYS B 94 -1.50 10.99 13.88
CA CYS B 94 -0.86 11.98 14.73
C CYS B 94 0.44 11.42 15.28
N HIS B 95 1.31 12.31 15.69
CA HIS B 95 2.68 11.97 16.09
C HIS B 95 3.11 12.93 17.18
N GLN B 96 3.69 12.40 18.26
CA GLN B 96 4.26 13.25 19.30
C GLN B 96 5.77 13.08 19.36
N TYR B 97 6.47 14.19 19.52
CA TYR B 97 7.91 14.20 19.68
C TYR B 97 8.29 14.98 20.94
N TYR B 98 7.44 14.90 21.96
CA TYR B 98 7.66 15.55 23.24
C TYR B 98 8.63 14.74 24.10
N SER B 99 8.47 13.41 24.12
CA SER B 99 9.34 12.56 24.92
C SER B 99 9.64 11.28 24.15
N SER B 100 10.67 10.58 24.61
CA SER B 100 11.03 9.27 24.07
C SER B 100 10.24 8.19 24.78
N PRO B 101 9.86 7.13 24.04
CA PRO B 101 10.03 6.97 22.60
C PRO B 101 9.03 7.81 21.83
N LEU B 102 9.41 8.26 20.63
CA LEU B 102 8.42 8.85 19.74
C LEU B 102 7.28 7.87 19.53
N THR B 103 6.05 8.39 19.45
CA THR B 103 4.88 7.54 19.29
C THR B 103 3.94 8.13 18.26
N PHE B 104 3.17 7.25 17.61
CA PHE B 104 2.18 7.62 16.61
C PHE B 104 0.81 7.10 17.01
N GLY B 105 -0.23 7.78 16.56
CA GLY B 105 -1.58 7.32 16.76
C GLY B 105 -1.87 6.09 15.91
N GLY B 106 -3.05 5.52 16.12
CA GLY B 106 -3.43 4.32 15.41
C GLY B 106 -3.82 4.54 13.97
N GLY B 107 -4.02 5.78 13.57
CA GLY B 107 -4.40 6.07 12.19
C GLY B 107 -5.89 6.15 12.01
N THR B 108 -6.30 7.05 11.11
CA THR B 108 -7.69 7.21 10.69
C THR B 108 -7.74 7.16 9.17
N LYS B 109 -8.56 6.26 8.64
CA LYS B 109 -8.67 6.06 7.20
C LYS B 109 -9.80 6.93 6.68
N VAL B 110 -9.50 7.76 5.70
CA VAL B 110 -10.46 8.69 5.12
C VAL B 110 -10.92 8.14 3.78
N GLU B 111 -12.22 7.94 3.66
CA GLU B 111 -12.86 7.54 2.42
C GLU B 111 -13.66 8.70 1.87
N ILE B 112 -13.71 8.79 0.54
CA ILE B 112 -14.43 9.84 -0.16
C ILE B 112 -15.77 9.27 -0.62
N LYS B 113 -16.85 10.00 -0.36
CA LYS B 113 -18.16 9.63 -0.89
C LYS B 113 -18.36 10.44 -2.17
N ARG B 114 -18.43 9.75 -3.29
CA ARG B 114 -18.65 10.37 -4.59
C ARG B 114 -20.01 9.91 -5.12
N THR B 115 -20.33 10.34 -6.34
CA THR B 115 -21.57 9.89 -6.96
C THR B 115 -21.52 8.39 -7.23
N VAL B 116 -22.71 7.77 -7.22
CA VAL B 116 -22.82 6.34 -7.50
C VAL B 116 -22.37 6.06 -8.93
N ALA B 117 -21.55 5.02 -9.09
CA ALA B 117 -21.03 4.62 -10.39
C ALA B 117 -21.11 3.10 -10.51
N ALA B 118 -21.78 2.62 -11.55
CA ALA B 118 -21.89 1.18 -11.75
C ALA B 118 -20.61 0.60 -12.34
N PRO B 119 -20.30 -0.66 -12.07
CA PRO B 119 -19.08 -1.26 -12.60
C PRO B 119 -19.18 -1.59 -14.07
N SER B 120 -18.05 -1.46 -14.75
CA SER B 120 -17.85 -2.08 -16.05
C SER B 120 -17.29 -3.47 -15.79
N VAL B 121 -17.85 -4.48 -16.47
CA VAL B 121 -17.56 -5.88 -16.18
C VAL B 121 -16.84 -6.48 -17.38
N PHE B 122 -15.72 -7.16 -17.10
CA PHE B 122 -14.90 -7.81 -18.12
C PHE B 122 -14.57 -9.22 -17.63
N ILE B 123 -14.38 -10.15 -18.57
CA ILE B 123 -14.08 -11.53 -18.18
C ILE B 123 -12.94 -12.05 -19.04
N PHE B 124 -12.10 -12.88 -18.45
CA PHE B 124 -10.91 -13.43 -19.09
C PHE B 124 -10.92 -14.95 -18.96
N PRO B 125 -11.04 -15.70 -20.05
CA PRO B 125 -10.86 -17.15 -19.96
C PRO B 125 -9.43 -17.50 -19.58
N PRO B 126 -9.16 -18.75 -19.20
CA PRO B 126 -7.79 -19.13 -18.87
C PRO B 126 -6.88 -19.00 -20.08
N SER B 127 -5.64 -18.60 -19.82
CA SER B 127 -4.64 -18.55 -20.87
C SER B 127 -4.24 -19.96 -21.30
N ASP B 128 -3.94 -20.12 -22.59
CA ASP B 128 -3.44 -21.40 -23.08
C ASP B 128 -2.22 -21.84 -22.31
N GLU B 129 -1.40 -20.88 -21.86
CA GLU B 129 -0.19 -21.21 -21.13
C GLU B 129 -0.52 -21.82 -19.77
N GLN B 130 -1.44 -21.21 -19.02
CA GLN B 130 -1.80 -21.78 -17.72
C GLN B 130 -2.46 -23.14 -17.86
N LEU B 131 -3.26 -23.34 -18.92
CA LEU B 131 -3.86 -24.64 -19.12
C LEU B 131 -2.81 -25.73 -19.27
N LYS B 132 -1.67 -25.41 -19.89
CA LYS B 132 -0.59 -26.40 -19.98
C LYS B 132 -0.10 -26.80 -18.59
N SER B 133 -0.05 -25.85 -17.66
CA SER B 133 0.41 -26.18 -16.31
C SER B 133 -0.57 -27.09 -15.57
N GLY B 134 -1.84 -27.12 -15.99
CA GLY B 134 -2.82 -28.03 -15.41
C GLY B 134 -3.93 -27.37 -14.62
N THR B 135 -3.99 -26.04 -14.59
CA THR B 135 -4.97 -25.31 -13.82
C THR B 135 -5.64 -24.28 -14.72
N ALA B 136 -6.86 -23.90 -14.35
CA ALA B 136 -7.63 -22.91 -15.09
C ALA B 136 -8.11 -21.84 -14.11
N SER B 137 -7.65 -20.61 -14.30
CA SER B 137 -8.12 -19.45 -13.56
C SER B 137 -8.97 -18.60 -14.48
N VAL B 138 -10.21 -18.33 -14.07
CA VAL B 138 -11.13 -17.48 -14.82
C VAL B 138 -11.27 -16.19 -14.03
N VAL B 139 -10.93 -15.06 -14.66
CA VAL B 139 -10.88 -13.79 -13.96
C VAL B 139 -12.05 -12.92 -14.43
N CYS B 140 -12.83 -12.44 -13.47
CA CYS B 140 -13.89 -11.46 -13.71
C CYS B 140 -13.47 -10.14 -13.09
N LEU B 141 -13.47 -9.09 -13.89
CA LEU B 141 -13.02 -7.77 -13.45
C LEU B 141 -14.22 -6.84 -13.39
N LEU B 142 -14.40 -6.19 -12.24
CA LEU B 142 -15.39 -5.14 -12.04
C LEU B 142 -14.64 -3.83 -11.87
N ASN B 143 -14.75 -2.94 -12.85
CA ASN B 143 -13.89 -1.76 -12.90
C ASN B 143 -14.66 -0.47 -12.62
N ASN B 144 -14.09 0.37 -11.75
CA ASN B 144 -14.44 1.77 -11.56
C ASN B 144 -15.89 1.94 -11.10
N PHE B 145 -16.17 1.43 -9.90
CA PHE B 145 -17.51 1.54 -9.35
C PHE B 145 -17.49 2.19 -7.98
N TYR B 146 -18.64 2.71 -7.57
CA TYR B 146 -18.81 3.29 -6.24
C TYR B 146 -20.30 3.22 -5.87
N PRO B 147 -20.64 2.82 -4.63
CA PRO B 147 -19.76 2.44 -3.51
C PRO B 147 -19.17 1.05 -3.65
N ARG B 148 -18.41 0.69 -2.61
CA ARG B 148 -17.57 -0.50 -2.65
C ARG B 148 -18.38 -1.80 -2.66
N GLU B 149 -19.59 -1.79 -2.10
CA GLU B 149 -20.36 -3.01 -1.96
C GLU B 149 -20.77 -3.54 -3.33
N ALA B 150 -20.37 -4.77 -3.63
CA ALA B 150 -20.73 -5.40 -4.89
C ALA B 150 -20.73 -6.91 -4.66
N LYS B 151 -21.62 -7.60 -5.36
CA LYS B 151 -21.78 -9.04 -5.22
C LYS B 151 -21.48 -9.68 -6.57
N VAL B 152 -20.61 -10.68 -6.56
CA VAL B 152 -20.21 -11.41 -7.74
C VAL B 152 -20.53 -12.88 -7.51
N GLN B 153 -21.29 -13.46 -8.41
CA GLN B 153 -21.59 -14.89 -8.37
C GLN B 153 -21.09 -15.52 -9.65
N TRP B 154 -20.58 -16.74 -9.53
CA TRP B 154 -20.14 -17.53 -10.65
C TRP B 154 -21.18 -18.60 -10.97
N LYS B 155 -21.44 -18.80 -12.26
CA LYS B 155 -22.29 -19.88 -12.72
C LYS B 155 -21.56 -20.62 -13.85
N VAL B 156 -21.51 -21.94 -13.74
CA VAL B 156 -20.92 -22.80 -14.76
C VAL B 156 -22.06 -23.66 -15.31
N ASP B 157 -22.36 -23.49 -16.60
CA ASP B 157 -23.53 -24.14 -17.20
C ASP B 157 -24.77 -23.85 -16.38
N ASN B 158 -24.92 -22.60 -15.96
CA ASN B 158 -26.08 -22.07 -15.26
C ASN B 158 -26.20 -22.57 -13.83
N ALA B 159 -25.26 -23.38 -13.34
CA ALA B 159 -25.28 -23.87 -11.98
C ALA B 159 -24.44 -22.96 -11.08
N LEU B 160 -25.03 -22.52 -9.97
CA LEU B 160 -24.39 -21.54 -9.11
C LEU B 160 -23.22 -22.19 -8.39
N GLN B 161 -22.04 -21.58 -8.51
CA GLN B 161 -20.82 -22.13 -7.95
C GLN B 161 -20.64 -21.67 -6.50
N SER B 162 -20.04 -22.56 -5.71
CA SER B 162 -19.68 -22.25 -4.33
C SER B 162 -18.29 -22.80 -4.05
N GLY B 163 -17.47 -22.00 -3.36
CA GLY B 163 -16.25 -22.51 -2.76
C GLY B 163 -15.06 -22.65 -3.69
N ASN B 164 -15.07 -22.04 -4.86
CA ASN B 164 -13.95 -22.17 -5.77
C ASN B 164 -13.52 -20.82 -6.35
N SER B 165 -13.79 -19.74 -5.64
CA SER B 165 -13.44 -18.41 -6.14
C SER B 165 -12.89 -17.55 -5.00
N GLN B 166 -12.07 -16.57 -5.35
CA GLN B 166 -11.53 -15.59 -4.42
C GLN B 166 -11.66 -14.19 -5.00
N GLU B 167 -11.98 -13.21 -4.15
CA GLU B 167 -12.15 -11.83 -4.56
C GLU B 167 -11.08 -10.94 -3.93
N SER B 168 -10.80 -9.83 -4.60
CA SER B 168 -9.95 -8.79 -4.06
C SER B 168 -10.40 -7.44 -4.60
N VAL B 169 -10.47 -6.43 -3.73
CA VAL B 169 -10.89 -5.08 -4.09
C VAL B 169 -9.70 -4.15 -3.89
N THR B 170 -9.58 -3.14 -4.77
CA THR B 170 -8.52 -2.14 -4.67
C THR B 170 -8.79 -1.17 -3.54
N GLU B 171 -7.76 -0.39 -3.22
CA GLU B 171 -7.98 0.84 -2.49
C GLU B 171 -8.77 1.82 -3.38
N GLN B 172 -9.28 2.87 -2.75
CA GLN B 172 -10.06 3.86 -3.48
C GLN B 172 -9.13 4.68 -4.38
N ASP B 173 -9.52 4.85 -5.64
CA ASP B 173 -8.69 5.58 -6.59
C ASP B 173 -8.56 7.04 -6.21
N SER B 174 -7.32 7.56 -6.31
CA SER B 174 -7.00 8.93 -5.93
C SER B 174 -7.45 9.96 -6.94
N LYS B 175 -7.94 9.55 -8.12
CA LYS B 175 -8.41 10.48 -9.13
C LYS B 175 -9.92 10.50 -9.26
N ASP B 176 -10.57 9.35 -9.43
CA ASP B 176 -12.01 9.27 -9.63
C ASP B 176 -12.75 8.72 -8.43
N SER B 177 -12.05 8.37 -7.35
CA SER B 177 -12.68 7.94 -6.09
C SER B 177 -13.50 6.66 -6.26
N THR B 178 -13.16 5.82 -7.23
CA THR B 178 -13.83 4.54 -7.42
C THR B 178 -12.99 3.39 -6.90
N TYR B 179 -13.62 2.23 -6.86
CA TYR B 179 -12.99 0.96 -6.53
C TYR B 179 -13.01 0.07 -7.76
N SER B 180 -12.14 -0.93 -7.75
CA SER B 180 -12.23 -2.03 -8.71
C SER B 180 -12.07 -3.33 -7.94
N LEU B 181 -12.58 -4.41 -8.54
CA LEU B 181 -12.63 -5.72 -7.90
C LEU B 181 -12.34 -6.81 -8.92
N SER B 182 -11.57 -7.80 -8.49
CA SER B 182 -11.35 -9.02 -9.27
C SER B 182 -11.94 -10.19 -8.53
N SER B 183 -12.60 -11.07 -9.27
CA SER B 183 -13.01 -12.36 -8.75
C SER B 183 -12.43 -13.43 -9.66
N THR B 184 -11.73 -14.39 -9.08
CA THR B 184 -11.03 -15.41 -9.83
C THR B 184 -11.63 -16.76 -9.47
N LEU B 185 -12.16 -17.45 -10.47
CA LEU B 185 -12.60 -18.84 -10.32
C LEU B 185 -11.44 -19.73 -10.74
N THR B 186 -11.06 -20.68 -9.87
CA THR B 186 -9.94 -21.58 -10.14
C THR B 186 -10.43 -23.02 -10.18
N LEU B 187 -10.18 -23.70 -11.30
CA LEU B 187 -10.52 -25.09 -11.49
C LEU B 187 -9.29 -25.84 -11.96
N SER B 188 -9.29 -27.14 -11.74
CA SER B 188 -8.35 -28.00 -12.45
C SER B 188 -8.69 -27.98 -13.94
N LYS B 189 -7.67 -28.25 -14.76
CA LYS B 189 -7.90 -28.34 -16.20
C LYS B 189 -8.99 -29.36 -16.51
N ALA B 190 -8.93 -30.53 -15.88
CA ALA B 190 -9.90 -31.58 -16.15
C ALA B 190 -11.31 -31.15 -15.76
N ASP B 191 -11.44 -30.41 -14.65
CA ASP B 191 -12.75 -29.90 -14.26
C ASP B 191 -13.19 -28.78 -15.20
N TYR B 192 -12.25 -27.96 -15.66
CA TYR B 192 -12.58 -26.89 -16.57
C TYR B 192 -13.17 -27.43 -17.87
N GLU B 193 -12.64 -28.56 -18.36
CA GLU B 193 -13.08 -29.17 -19.62
C GLU B 193 -14.39 -29.93 -19.50
N LYS B 194 -14.99 -30.03 -18.32
CA LYS B 194 -16.27 -30.69 -18.19
C LYS B 194 -17.44 -29.80 -18.61
N HIS B 195 -17.25 -28.48 -18.61
CA HIS B 195 -18.35 -27.54 -18.78
C HIS B 195 -18.06 -26.58 -19.91
N LYS B 196 -19.11 -25.97 -20.44
CA LYS B 196 -18.98 -25.07 -21.58
C LYS B 196 -19.15 -23.60 -21.20
N VAL B 197 -20.21 -23.26 -20.49
CA VAL B 197 -20.57 -21.86 -20.25
C VAL B 197 -20.02 -21.43 -18.90
N TYR B 198 -19.21 -20.37 -18.90
CA TYR B 198 -18.67 -19.76 -17.69
C TYR B 198 -19.14 -18.32 -17.63
N ALA B 199 -19.72 -17.94 -16.50
CA ALA B 199 -20.43 -16.67 -16.40
C ALA B 199 -20.19 -16.04 -15.04
N CYS B 200 -20.01 -14.73 -15.08
CA CYS B 200 -19.84 -13.88 -13.90
C CYS B 200 -21.07 -12.97 -13.82
N GLU B 201 -21.79 -13.02 -12.70
CA GLU B 201 -22.99 -12.20 -12.51
C GLU B 201 -22.73 -11.18 -11.40
N VAL B 202 -22.97 -9.90 -11.70
CA VAL B 202 -22.58 -8.80 -10.84
C VAL B 202 -23.81 -8.01 -10.40
N THR B 203 -23.87 -7.72 -9.10
CA THR B 203 -24.93 -6.93 -8.51
C THR B 203 -24.29 -5.71 -7.86
N HIS B 204 -24.88 -4.53 -8.10
CA HIS B 204 -24.34 -3.32 -7.50
C HIS B 204 -25.44 -2.26 -7.43
N GLN B 205 -25.31 -1.39 -6.43
CA GLN B 205 -26.29 -0.34 -6.16
C GLN B 205 -26.63 0.49 -7.40
N GLY B 206 -25.64 0.72 -8.26
CA GLY B 206 -25.82 1.50 -9.47
C GLY B 206 -26.40 0.74 -10.63
N LEU B 207 -26.76 -0.52 -10.45
CA LEU B 207 -27.41 -1.33 -11.46
C LEU B 207 -28.82 -1.67 -11.01
N SER B 208 -29.78 -1.60 -11.94
CA SER B 208 -31.16 -1.96 -11.64
C SER B 208 -31.43 -3.45 -11.77
N SER B 209 -30.55 -4.19 -12.45
CA SER B 209 -30.61 -5.65 -12.49
C SER B 209 -29.19 -6.17 -12.60
N PRO B 210 -28.97 -7.46 -12.31
CA PRO B 210 -27.60 -8.00 -12.39
C PRO B 210 -27.06 -7.96 -13.81
N VAL B 211 -25.75 -7.77 -13.92
CA VAL B 211 -25.03 -7.79 -15.19
C VAL B 211 -24.21 -9.08 -15.27
N THR B 212 -24.36 -9.79 -16.38
CA THR B 212 -23.68 -11.07 -16.59
C THR B 212 -22.76 -10.98 -17.80
N LYS B 213 -21.51 -11.36 -17.62
CA LYS B 213 -20.57 -11.57 -18.72
C LYS B 213 -20.20 -13.04 -18.75
N SER B 214 -20.19 -13.62 -19.95
CA SER B 214 -20.02 -15.06 -20.05
C SER B 214 -19.27 -15.40 -21.33
N PHE B 215 -18.69 -16.60 -21.36
CA PHE B 215 -18.05 -17.12 -22.56
C PHE B 215 -18.22 -18.63 -22.59
N ASN B 216 -18.13 -19.19 -23.80
CA ASN B 216 -18.15 -20.62 -24.01
C ASN B 216 -16.71 -21.10 -24.14
N ARG B 217 -16.33 -22.07 -23.31
CA ARG B 217 -14.98 -22.60 -23.36
C ARG B 217 -14.65 -23.03 -24.79
N GLY B 218 -13.42 -22.69 -25.22
CA GLY B 218 -12.94 -23.08 -26.53
C GLY B 218 -13.22 -22.10 -27.65
N GLU B 219 -13.96 -21.03 -27.39
CA GLU B 219 -14.25 -20.03 -28.42
C GLU B 219 -13.17 -18.96 -28.45
N ASN C 1 8.17 19.02 30.59
CA ASN C 1 9.58 18.56 30.53
C ASN C 1 9.87 17.82 29.22
N VAL C 2 10.11 18.59 28.15
CA VAL C 2 10.46 18.01 26.87
C VAL C 2 11.79 17.30 26.98
N ASP C 3 11.94 16.18 26.27
CA ASP C 3 13.22 15.53 26.12
C ASP C 3 13.85 16.01 24.83
N PRO C 4 14.92 16.82 24.87
CA PRO C 4 15.49 17.35 23.62
C PRO C 4 16.13 16.29 22.75
N ASN C 5 16.41 15.10 23.27
CA ASN C 5 17.03 14.03 22.50
C ASN C 5 16.02 13.01 22.00
N ALA C 6 14.72 13.23 22.20
CA ALA C 6 13.71 12.37 21.59
C ALA C 6 13.85 12.38 20.07
N ASN C 7 14.07 13.56 19.51
CA ASN C 7 14.40 13.70 18.09
C ASN C 7 15.40 14.85 17.98
N PRO C 8 16.70 14.57 17.80
CA PRO C 8 17.68 15.66 17.69
C PRO C 8 17.46 16.55 16.49
N ASN C 9 16.59 16.15 15.56
CA ASN C 9 16.25 16.98 14.41
C ASN C 9 15.32 18.14 14.77
N VAL C 10 14.68 18.10 15.94
CA VAL C 10 13.83 19.20 16.39
C VAL C 10 14.70 20.19 17.15
N ASP C 11 14.80 21.40 16.62
CA ASP C 11 15.55 22.46 17.31
C ASP C 11 14.79 22.89 18.57
#